data_3B66
#
_entry.id   3B66
#
_cell.length_a   54.739
_cell.length_b   66.597
_cell.length_c   69.098
_cell.angle_alpha   90.00
_cell.angle_beta   90.00
_cell.angle_gamma   90.00
#
_symmetry.space_group_name_H-M   'P 21 21 21'
#
loop_
_entity.id
_entity.type
_entity.pdbx_description
1 polymer 'Androgen receptor'
2 non-polymer 4-{[(1R,2S)-1,2-dihydroxy-2-methyl-3-(4-nitrophenoxy)propyl]amino}-2-(trifluoromethyl)benzonitrile
3 water water
#
_entity_poly.entity_id   1
_entity_poly.type   'polypeptide(L)'
_entity_poly.pdbx_seq_one_letter_code
;PIFLNVLEAIEPGVVCAGHDNNQPDSFAALLSSLNELGERQLVHVVKWAKALPGFRNLHVDDQMAVIQYSWMGLMVFAMG
WRSFTNVNSRMLYFAPDLVFNEYRMHKSRMYSQCVRMRHLSQEFGWLQITPQEFLCMKALLLFSIIPVDGLKNQKFFDEL
RMNYIKELDRIIACKRKNPTSCSRRFYQLTKLLDSVQPIARELHQFTFDLLIKSHMVSVDFPEMMAEIISVQVPKILSGK
VKPIYFHTQ
;
_entity_poly.pdbx_strand_id   A
#
# COMPACT_ATOMS: atom_id res chain seq x y z
N PRO A 1 25.01 -6.57 1.02
CA PRO A 1 23.76 -6.01 0.46
C PRO A 1 23.24 -4.93 1.39
N ILE A 2 23.95 -3.80 1.43
CA ILE A 2 23.56 -2.70 2.31
C ILE A 2 22.11 -2.28 2.13
N PHE A 3 21.71 -2.00 0.90
CA PHE A 3 20.33 -1.56 0.64
C PHE A 3 19.27 -2.53 1.16
N LEU A 4 19.41 -3.81 0.82
CA LEU A 4 18.43 -4.81 1.27
C LEU A 4 18.50 -5.05 2.76
N ASN A 5 19.69 -4.91 3.35
CA ASN A 5 19.84 -5.08 4.78
C ASN A 5 18.98 -4.03 5.47
N VAL A 6 19.01 -2.80 4.93
CA VAL A 6 18.24 -1.72 5.52
C VAL A 6 16.73 -1.96 5.39
N LEU A 7 16.27 -2.36 4.21
CA LEU A 7 14.85 -2.60 4.00
C LEU A 7 14.31 -3.67 4.95
N GLU A 8 15.09 -4.73 5.13
CA GLU A 8 14.70 -5.83 6.01
C GLU A 8 14.66 -5.34 7.46
N ALA A 9 15.66 -4.54 7.82
CA ALA A 9 15.77 -4.01 9.18
C ALA A 9 14.63 -3.09 9.62
N ILE A 10 14.11 -2.29 8.68
CA ILE A 10 13.03 -1.35 9.02
C ILE A 10 11.62 -1.88 8.72
N GLU A 11 11.52 -3.06 8.13
CA GLU A 11 10.18 -3.60 7.81
C GLU A 11 9.33 -3.74 9.07
N PRO A 12 8.15 -3.10 9.08
CA PRO A 12 7.23 -3.15 10.22
C PRO A 12 6.85 -4.56 10.65
N GLY A 13 6.65 -4.74 11.95
CA GLY A 13 6.25 -6.02 12.47
C GLY A 13 4.73 -6.13 12.43
N VAL A 14 4.20 -7.11 13.15
CA VAL A 14 2.77 -7.34 13.20
C VAL A 14 1.96 -6.20 13.82
N VAL A 15 0.86 -5.83 13.16
CA VAL A 15 -0.01 -4.78 13.66
C VAL A 15 -1.41 -5.38 13.76
N CYS A 16 -2.01 -5.30 14.95
CA CYS A 16 -3.35 -5.84 15.16
C CYS A 16 -4.40 -4.75 15.09
N ALA A 17 -5.63 -5.13 14.77
CA ALA A 17 -6.73 -4.18 14.64
C ALA A 17 -7.50 -3.92 15.94
N GLY A 18 -7.51 -4.90 16.84
CA GLY A 18 -8.24 -4.74 18.09
C GLY A 18 -9.71 -5.09 17.92
N HIS A 19 -10.00 -5.79 16.83
CA HIS A 19 -11.37 -6.18 16.48
C HIS A 19 -11.93 -7.26 17.40
N ASP A 20 -13.22 -7.18 17.71
CA ASP A 20 -13.87 -8.18 18.55
C ASP A 20 -14.43 -9.28 17.66
N ASN A 21 -13.69 -10.37 17.55
CA ASN A 21 -14.10 -11.50 16.72
C ASN A 21 -15.11 -12.43 17.37
N ASN A 22 -15.48 -12.13 18.62
CA ASN A 22 -16.44 -12.96 19.33
C ASN A 22 -17.86 -12.40 19.10
N GLN A 23 -17.93 -11.31 18.37
CA GLN A 23 -19.19 -10.65 18.07
C GLN A 23 -19.61 -10.97 16.64
N PRO A 24 -20.91 -11.09 16.37
CA PRO A 24 -21.35 -11.39 15.00
C PRO A 24 -20.86 -10.27 14.10
N ASP A 25 -20.50 -10.59 12.86
CA ASP A 25 -20.02 -9.57 11.92
C ASP A 25 -21.08 -8.55 11.56
N SER A 26 -20.68 -7.28 11.54
CA SER A 26 -21.58 -6.20 11.15
C SER A 26 -20.77 -5.19 10.36
N PHE A 27 -21.45 -4.45 9.48
CA PHE A 27 -20.78 -3.44 8.67
C PHE A 27 -20.10 -2.40 9.56
N ALA A 28 -20.84 -1.86 10.52
CA ALA A 28 -20.30 -0.82 11.41
C ALA A 28 -19.06 -1.25 12.18
N ALA A 29 -19.07 -2.47 12.72
CA ALA A 29 -17.92 -2.95 13.49
C ALA A 29 -16.72 -3.26 12.58
N LEU A 30 -16.99 -3.90 11.44
CA LEU A 30 -15.93 -4.24 10.52
C LEU A 30 -15.22 -2.99 9.98
N LEU A 31 -15.98 -1.97 9.62
CA LEU A 31 -15.38 -0.74 9.10
C LEU A 31 -14.67 0.07 10.18
N SER A 32 -15.22 0.08 11.40
CA SER A 32 -14.56 0.81 12.47
C SER A 32 -13.20 0.18 12.74
N SER A 33 -13.14 -1.14 12.66
CA SER A 33 -11.88 -1.86 12.86
C SER A 33 -10.93 -1.62 11.70
N LEU A 34 -11.46 -1.55 10.49
CA LEU A 34 -10.59 -1.29 9.35
C LEU A 34 -10.02 0.11 9.50
N ASN A 35 -10.85 1.06 9.94
CA ASN A 35 -10.39 2.44 10.14
C ASN A 35 -9.30 2.51 11.20
N GLU A 36 -9.56 1.86 12.34
CA GLU A 36 -8.59 1.83 13.45
C GLU A 36 -7.31 1.16 13.00
N LEU A 37 -7.42 0.04 12.29
CA LEU A 37 -6.24 -0.66 11.80
C LEU A 37 -5.50 0.23 10.81
N GLY A 38 -6.25 0.96 9.99
CA GLY A 38 -5.61 1.84 9.03
C GLY A 38 -4.74 2.86 9.74
N GLU A 39 -5.28 3.48 10.78
CA GLU A 39 -4.53 4.47 11.54
C GLU A 39 -3.32 3.84 12.28
N ARG A 40 -3.50 2.64 12.82
CA ARG A 40 -2.41 1.99 13.52
C ARG A 40 -1.25 1.71 12.56
N GLN A 41 -1.59 1.30 11.34
CA GLN A 41 -0.57 1.03 10.34
C GLN A 41 0.12 2.32 9.89
N LEU A 42 -0.66 3.40 9.73
CA LEU A 42 -0.08 4.68 9.33
C LEU A 42 1.06 5.08 10.26
N VAL A 43 0.90 4.82 11.56
CA VAL A 43 1.92 5.15 12.54
C VAL A 43 3.23 4.48 12.15
N HIS A 44 3.14 3.21 11.74
CA HIS A 44 4.31 2.44 11.35
C HIS A 44 4.81 2.79 9.95
N VAL A 45 3.92 3.15 9.05
CA VAL A 45 4.33 3.52 7.71
C VAL A 45 5.21 4.77 7.77
N VAL A 46 4.84 5.70 8.65
CA VAL A 46 5.59 6.93 8.81
C VAL A 46 7.00 6.66 9.34
N LYS A 47 7.10 5.81 10.36
CA LYS A 47 8.40 5.47 10.93
C LYS A 47 9.25 4.73 9.92
N TRP A 48 8.60 3.84 9.15
CA TRP A 48 9.26 3.06 8.11
C TRP A 48 9.79 3.99 7.02
N ALA A 49 8.91 4.82 6.46
CA ALA A 49 9.30 5.75 5.40
C ALA A 49 10.46 6.66 5.81
N LYS A 50 10.37 7.24 7.01
CA LYS A 50 11.42 8.14 7.48
C LYS A 50 12.75 7.47 7.73
N ALA A 51 12.78 6.13 7.74
CA ALA A 51 14.01 5.39 7.96
C ALA A 51 14.55 4.81 6.65
N LEU A 52 13.86 5.10 5.56
CA LEU A 52 14.25 4.60 4.24
C LEU A 52 15.49 5.34 3.70
N PRO A 53 16.38 4.61 3.01
CA PRO A 53 17.57 5.27 2.45
C PRO A 53 17.21 6.47 1.58
N GLY A 54 17.80 7.63 1.91
CA GLY A 54 17.57 8.85 1.15
C GLY A 54 16.28 9.61 1.34
N PHE A 55 15.34 9.09 2.12
CA PHE A 55 14.07 9.76 2.33
C PHE A 55 14.21 11.17 2.92
N ARG A 56 15.24 11.35 3.74
CA ARG A 56 15.49 12.64 4.35
C ARG A 56 15.90 13.71 3.33
N ASN A 57 16.31 13.26 2.15
CA ASN A 57 16.71 14.19 1.09
C ASN A 57 15.52 15.03 0.67
N LEU A 58 14.32 14.44 0.74
CA LEU A 58 13.09 15.13 0.35
C LEU A 58 12.75 16.29 1.28
N HIS A 59 12.10 17.31 0.73
CA HIS A 59 11.69 18.45 1.53
C HIS A 59 10.67 17.93 2.55
N VAL A 60 10.70 18.49 3.76
CA VAL A 60 9.80 18.07 4.84
C VAL A 60 8.33 18.00 4.42
N ASP A 61 7.87 19.01 3.66
CA ASP A 61 6.49 19.02 3.22
C ASP A 61 6.20 17.89 2.24
N ASP A 62 7.18 17.56 1.42
CA ASP A 62 7.01 16.49 0.46
C ASP A 62 7.01 15.12 1.14
N GLN A 63 7.78 14.99 2.22
CA GLN A 63 7.84 13.73 2.96
C GLN A 63 6.44 13.36 3.44
N MET A 64 5.78 14.31 4.10
CA MET A 64 4.43 14.09 4.63
C MET A 64 3.42 13.78 3.51
N ALA A 65 3.46 14.58 2.45
CA ALA A 65 2.55 14.43 1.32
C ALA A 65 2.66 13.06 0.66
N VAL A 66 3.89 12.66 0.38
CA VAL A 66 4.15 11.38 -0.26
C VAL A 66 3.64 10.21 0.58
N ILE A 67 3.83 10.30 1.89
CA ILE A 67 3.39 9.24 2.79
C ILE A 67 1.87 9.16 2.77
N GLN A 68 1.21 10.32 2.86
CA GLN A 68 -0.25 10.35 2.86
C GLN A 68 -0.84 9.89 1.54
N TYR A 69 -0.26 10.29 0.41
CA TYR A 69 -0.80 9.86 -0.89
C TYR A 69 -0.61 8.36 -1.08
N SER A 70 0.54 7.84 -0.64
CA SER A 70 0.84 6.42 -0.80
C SER A 70 0.30 5.46 0.26
N TRP A 71 -0.21 6.02 1.34
CA TRP A 71 -0.73 5.24 2.46
C TRP A 71 -1.59 4.04 2.06
N MET A 72 -2.66 4.27 1.32
CA MET A 72 -3.56 3.19 0.93
C MET A 72 -2.84 2.12 0.10
N GLY A 73 -2.14 2.55 -0.95
CA GLY A 73 -1.43 1.62 -1.81
C GLY A 73 -0.40 0.78 -1.06
N LEU A 74 0.35 1.40 -0.17
CA LEU A 74 1.36 0.70 0.61
C LEU A 74 0.71 -0.40 1.44
N MET A 75 -0.42 -0.09 2.07
CA MET A 75 -1.10 -1.07 2.90
C MET A 75 -1.66 -2.21 2.05
N VAL A 76 -2.18 -1.87 0.88
CA VAL A 76 -2.74 -2.87 -0.04
C VAL A 76 -1.67 -3.89 -0.44
N PHE A 77 -0.51 -3.39 -0.81
CA PHE A 77 0.59 -4.24 -1.25
C PHE A 77 1.08 -5.19 -0.16
N ALA A 78 1.28 -4.65 1.05
CA ALA A 78 1.74 -5.45 2.17
C ALA A 78 0.67 -6.43 2.61
N MET A 79 -0.58 -6.02 2.54
CA MET A 79 -1.67 -6.90 2.94
C MET A 79 -1.73 -8.10 1.98
N GLY A 80 -1.55 -7.83 0.68
CA GLY A 80 -1.57 -8.91 -0.29
C GLY A 80 -0.45 -9.90 -0.05
N TRP A 81 0.71 -9.41 0.36
CA TRP A 81 1.85 -10.27 0.64
C TRP A 81 1.56 -11.13 1.87
N ARG A 82 0.97 -10.52 2.90
CA ARG A 82 0.64 -11.24 4.12
C ARG A 82 -0.39 -12.34 3.86
N SER A 83 -1.33 -12.06 2.97
CA SER A 83 -2.37 -13.02 2.63
C SER A 83 -1.76 -14.22 1.92
N PHE A 84 -0.79 -13.95 1.06
CA PHE A 84 -0.10 -15.00 0.32
C PHE A 84 0.74 -15.88 1.24
N THR A 85 1.60 -15.26 2.03
CA THR A 85 2.49 -16.00 2.92
C THR A 85 1.80 -16.67 4.10
N ASN A 86 0.82 -15.99 4.70
CA ASN A 86 0.13 -16.55 5.87
C ASN A 86 -0.98 -17.55 5.59
N VAL A 87 -1.82 -17.28 4.58
CA VAL A 87 -2.92 -18.17 4.28
C VAL A 87 -3.08 -18.55 2.82
N ASN A 88 -1.97 -18.48 2.09
CA ASN A 88 -1.94 -18.82 0.67
C ASN A 88 -3.10 -18.23 -0.12
N SER A 89 -3.40 -16.96 0.14
CA SER A 89 -4.45 -16.23 -0.57
C SER A 89 -5.86 -16.77 -0.37
N ARG A 90 -6.06 -17.63 0.61
CA ARG A 90 -7.39 -18.20 0.86
C ARG A 90 -8.33 -17.13 1.42
N MET A 91 -7.75 -16.20 2.18
CA MET A 91 -8.48 -15.10 2.79
C MET A 91 -7.58 -13.88 2.75
N LEU A 92 -8.11 -12.72 3.11
CA LEU A 92 -7.31 -11.49 3.12
C LEU A 92 -6.86 -11.27 4.56
N TYR A 93 -5.56 -11.28 4.76
CA TYR A 93 -4.96 -11.11 6.09
C TYR A 93 -4.69 -9.64 6.41
N PHE A 94 -5.72 -8.87 6.71
CA PHE A 94 -5.53 -7.45 7.05
C PHE A 94 -4.68 -7.36 8.32
N ALA A 95 -4.96 -8.26 9.24
CA ALA A 95 -4.24 -8.34 10.51
C ALA A 95 -4.55 -9.71 11.11
N PRO A 96 -3.75 -10.15 12.10
CA PRO A 96 -4.00 -11.47 12.69
C PRO A 96 -5.41 -11.60 13.24
N ASP A 97 -5.95 -10.48 13.74
CA ASP A 97 -7.28 -10.45 14.31
C ASP A 97 -8.32 -9.82 13.38
N LEU A 98 -8.01 -9.75 12.09
CA LEU A 98 -8.94 -9.19 11.12
C LEU A 98 -8.69 -9.84 9.77
N VAL A 99 -9.11 -11.10 9.67
CA VAL A 99 -8.96 -11.90 8.47
C VAL A 99 -10.32 -11.97 7.77
N PHE A 100 -10.36 -11.57 6.50
CA PHE A 100 -11.60 -11.57 5.73
C PHE A 100 -11.85 -12.79 4.87
N ASN A 101 -12.98 -13.46 5.11
CA ASN A 101 -13.38 -14.57 4.27
C ASN A 101 -14.37 -13.89 3.32
N GLU A 102 -14.96 -14.61 2.37
CA GLU A 102 -15.88 -13.96 1.43
C GLU A 102 -17.07 -13.31 2.10
N TYR A 103 -17.54 -13.90 3.19
CA TYR A 103 -18.68 -13.35 3.92
C TYR A 103 -18.34 -11.96 4.42
N ARG A 104 -17.16 -11.79 4.98
CA ARG A 104 -16.73 -10.50 5.49
C ARG A 104 -16.50 -9.51 4.34
N MET A 105 -15.96 -10.00 3.24
CA MET A 105 -15.74 -9.15 2.07
C MET A 105 -17.07 -8.55 1.65
N HIS A 106 -18.11 -9.36 1.67
CA HIS A 106 -19.45 -8.93 1.28
C HIS A 106 -20.07 -8.00 2.31
N LYS A 107 -19.99 -8.35 3.59
CA LYS A 107 -20.59 -7.52 4.64
C LYS A 107 -19.94 -6.15 4.75
N SER A 108 -18.65 -6.06 4.42
CA SER A 108 -17.92 -4.80 4.49
C SER A 108 -18.31 -3.85 3.36
N ARG A 109 -19.03 -4.37 2.36
CA ARG A 109 -19.47 -3.61 1.20
C ARG A 109 -18.28 -3.16 0.35
N MET A 110 -17.16 -3.89 0.50
CA MET A 110 -15.95 -3.60 -0.25
C MET A 110 -15.58 -4.86 -1.01
N TYR A 111 -16.58 -5.65 -1.39
CA TYR A 111 -16.32 -6.90 -2.09
C TYR A 111 -15.46 -6.82 -3.35
N SER A 112 -15.82 -5.97 -4.30
CA SER A 112 -15.02 -5.85 -5.53
C SER A 112 -13.55 -5.56 -5.20
N GLN A 113 -13.30 -4.60 -4.32
CA GLN A 113 -11.93 -4.26 -3.96
C GLN A 113 -11.21 -5.44 -3.30
N CYS A 114 -11.90 -6.13 -2.40
CA CYS A 114 -11.31 -7.28 -1.73
C CYS A 114 -10.93 -8.37 -2.70
N VAL A 115 -11.79 -8.63 -3.68
CA VAL A 115 -11.52 -9.67 -4.66
C VAL A 115 -10.30 -9.33 -5.49
N ARG A 116 -10.12 -8.04 -5.80
CA ARG A 116 -8.96 -7.63 -6.58
C ARG A 116 -7.69 -7.78 -5.74
N MET A 117 -7.80 -7.57 -4.43
CA MET A 117 -6.65 -7.73 -3.57
C MET A 117 -6.32 -9.22 -3.40
N ARG A 118 -7.34 -10.08 -3.47
CA ARG A 118 -7.09 -11.51 -3.36
C ARG A 118 -6.33 -11.95 -4.60
N HIS A 119 -6.68 -11.37 -5.75
CA HIS A 119 -6.01 -11.71 -7.00
C HIS A 119 -4.55 -11.25 -6.91
N LEU A 120 -4.34 -10.07 -6.30
CA LEU A 120 -3.00 -9.53 -6.12
C LEU A 120 -2.22 -10.52 -5.25
N SER A 121 -2.85 -10.96 -4.18
CA SER A 121 -2.25 -11.91 -3.26
C SER A 121 -1.78 -13.15 -4.01
N GLN A 122 -2.63 -13.66 -4.90
CA GLN A 122 -2.31 -14.84 -5.68
C GLN A 122 -1.14 -14.57 -6.62
N GLU A 123 -1.07 -13.35 -7.13
CA GLU A 123 0.01 -12.94 -8.03
C GLU A 123 1.38 -13.09 -7.38
N PHE A 124 1.47 -12.82 -6.09
CA PHE A 124 2.73 -12.96 -5.39
C PHE A 124 3.21 -14.40 -5.51
N GLY A 125 2.27 -15.34 -5.49
CA GLY A 125 2.62 -16.74 -5.60
C GLY A 125 2.87 -17.16 -7.03
N TRP A 126 1.98 -16.76 -7.92
CA TRP A 126 2.10 -17.12 -9.33
C TRP A 126 3.40 -16.61 -9.94
N LEU A 127 3.76 -15.38 -9.60
CA LEU A 127 5.00 -14.78 -10.11
C LEU A 127 6.21 -15.14 -9.27
N GLN A 128 5.99 -15.91 -8.20
CA GLN A 128 7.08 -16.32 -7.32
C GLN A 128 7.90 -15.12 -6.86
N ILE A 129 7.21 -14.09 -6.40
CA ILE A 129 7.87 -12.89 -5.91
C ILE A 129 8.70 -13.24 -4.66
N THR A 130 9.98 -12.88 -4.67
CA THR A 130 10.83 -13.19 -3.52
C THR A 130 10.62 -12.12 -2.45
N PRO A 131 10.99 -12.43 -1.20
CA PRO A 131 10.83 -11.47 -0.11
C PRO A 131 11.59 -10.17 -0.38
N GLN A 132 12.73 -10.30 -1.06
CA GLN A 132 13.55 -9.12 -1.36
C GLN A 132 12.93 -8.28 -2.47
N GLU A 133 12.30 -8.92 -3.44
CA GLU A 133 11.64 -8.17 -4.50
C GLU A 133 10.47 -7.44 -3.88
N PHE A 134 9.76 -8.12 -2.98
CA PHE A 134 8.62 -7.54 -2.30
C PHE A 134 9.03 -6.28 -1.55
N LEU A 135 10.12 -6.38 -0.79
CA LEU A 135 10.61 -5.24 -0.01
C LEU A 135 10.99 -4.05 -0.89
N CYS A 136 11.70 -4.31 -1.98
CA CYS A 136 12.11 -3.23 -2.87
C CYS A 136 10.93 -2.64 -3.61
N MET A 137 10.00 -3.49 -4.05
CA MET A 137 8.83 -3.01 -4.76
C MET A 137 7.98 -2.13 -3.85
N LYS A 138 7.85 -2.54 -2.59
CA LYS A 138 7.05 -1.77 -1.64
C LYS A 138 7.65 -0.39 -1.39
N ALA A 139 8.98 -0.31 -1.30
CA ALA A 139 9.63 0.98 -1.09
C ALA A 139 9.39 1.87 -2.32
N LEU A 140 9.47 1.27 -3.50
CA LEU A 140 9.26 2.01 -4.74
C LEU A 140 7.84 2.55 -4.80
N LEU A 141 6.90 1.79 -4.22
CA LEU A 141 5.50 2.21 -4.18
C LEU A 141 5.34 3.56 -3.50
N LEU A 142 6.16 3.81 -2.48
CA LEU A 142 6.10 5.07 -1.76
C LEU A 142 6.41 6.26 -2.68
N PHE A 143 7.22 6.02 -3.71
CA PHE A 143 7.61 7.07 -4.65
C PHE A 143 6.90 6.91 -6.00
N SER A 144 5.61 6.55 -5.95
CA SER A 144 4.86 6.33 -7.19
C SER A 144 3.55 7.11 -7.34
N ILE A 145 3.43 8.22 -6.61
CA ILE A 145 2.23 9.06 -6.71
C ILE A 145 2.60 10.51 -6.40
N ILE A 146 2.38 11.40 -7.36
CA ILE A 146 2.73 12.81 -7.19
C ILE A 146 1.71 13.80 -7.76
N PRO A 147 1.79 15.06 -7.32
CA PRO A 147 0.90 16.15 -7.73
C PRO A 147 1.32 16.71 -9.10
N VAL A 148 0.32 17.13 -9.88
CA VAL A 148 0.58 17.71 -11.20
C VAL A 148 1.32 19.03 -11.06
N ASP A 149 0.99 19.80 -10.02
CA ASP A 149 1.63 21.08 -9.79
C ASP A 149 3.03 20.89 -9.23
N GLY A 150 3.42 19.63 -9.04
CA GLY A 150 4.74 19.30 -8.55
C GLY A 150 4.96 19.43 -7.04
N LEU A 151 6.01 18.80 -6.56
CA LEU A 151 6.36 18.84 -5.13
C LEU A 151 7.24 20.07 -4.91
N LYS A 152 7.55 20.38 -3.66
CA LYS A 152 8.38 21.53 -3.33
C LYS A 152 9.74 21.38 -4.01
N ASN A 153 10.31 20.18 -3.88
CA ASN A 153 11.59 19.85 -4.50
C ASN A 153 11.38 18.61 -5.35
N GLN A 154 10.85 18.80 -6.55
CA GLN A 154 10.59 17.70 -7.46
C GLN A 154 11.87 16.98 -7.88
N LYS A 155 12.93 17.73 -8.10
CA LYS A 155 14.19 17.13 -8.51
C LYS A 155 14.71 16.10 -7.51
N PHE A 156 14.63 16.41 -6.21
CA PHE A 156 15.09 15.47 -5.20
C PHE A 156 14.26 14.18 -5.27
N PHE A 157 12.96 14.34 -5.48
CA PHE A 157 12.07 13.19 -5.57
C PHE A 157 12.39 12.33 -6.79
N ASP A 158 12.61 12.99 -7.94
CA ASP A 158 12.92 12.27 -9.16
C ASP A 158 14.21 11.45 -9.02
N GLU A 159 15.19 12.01 -8.33
CA GLU A 159 16.46 11.31 -8.13
C GLU A 159 16.26 10.09 -7.24
N LEU A 160 15.53 10.28 -6.15
CA LEU A 160 15.27 9.20 -5.21
C LEU A 160 14.52 8.06 -5.89
N ARG A 161 13.45 8.40 -6.62
CA ARG A 161 12.68 7.39 -7.32
C ARG A 161 13.56 6.62 -8.31
N MET A 162 14.41 7.34 -9.02
CA MET A 162 15.31 6.71 -9.97
C MET A 162 16.23 5.73 -9.27
N ASN A 163 16.76 6.13 -8.11
CA ASN A 163 17.66 5.27 -7.36
C ASN A 163 16.96 4.00 -6.87
N TYR A 164 15.68 4.10 -6.51
CA TYR A 164 14.96 2.92 -6.06
C TYR A 164 14.71 1.97 -7.23
N ILE A 165 14.52 2.53 -8.42
CA ILE A 165 14.30 1.71 -9.59
C ILE A 165 15.61 0.96 -9.88
N LYS A 166 16.73 1.65 -9.73
CA LYS A 166 18.04 1.04 -9.95
C LYS A 166 18.26 -0.12 -8.98
N GLU A 167 17.81 0.04 -7.74
CA GLU A 167 17.98 -1.04 -6.77
C GLU A 167 17.16 -2.24 -7.21
N LEU A 168 15.97 -2.00 -7.74
CA LEU A 168 15.12 -3.09 -8.21
C LEU A 168 15.85 -3.80 -9.33
N ASP A 169 16.49 -3.03 -10.23
CA ASP A 169 17.26 -3.60 -11.33
C ASP A 169 18.33 -4.55 -10.79
N ARG A 170 19.02 -4.11 -9.74
CA ARG A 170 20.09 -4.91 -9.14
C ARG A 170 19.58 -6.21 -8.55
N ILE A 171 18.45 -6.14 -7.85
CA ILE A 171 17.88 -7.32 -7.24
C ILE A 171 17.48 -8.31 -8.34
N ILE A 172 16.95 -7.78 -9.44
CA ILE A 172 16.54 -8.62 -10.56
C ILE A 172 17.75 -9.25 -11.24
N ALA A 173 18.82 -8.47 -11.39
CA ALA A 173 20.04 -8.96 -12.04
C ALA A 173 20.81 -9.95 -11.18
N CYS A 174 20.59 -9.89 -9.87
CA CYS A 174 21.28 -10.81 -8.97
C CYS A 174 20.84 -12.24 -9.26
N LYS A 175 21.74 -13.01 -9.86
CA LYS A 175 21.49 -14.41 -10.20
C LYS A 175 20.77 -14.58 -11.55
N ARG A 176 20.89 -13.56 -12.39
CA ARG A 176 20.32 -13.58 -13.73
C ARG A 176 21.37 -13.03 -14.68
N LYS A 177 22.06 -13.94 -15.38
CA LYS A 177 23.09 -13.55 -16.32
C LYS A 177 22.53 -13.08 -17.66
N ASN A 178 21.37 -13.63 -18.03
CA ASN A 178 20.73 -13.27 -19.29
C ASN A 178 19.92 -11.99 -19.19
N PRO A 179 20.29 -10.96 -19.98
CA PRO A 179 19.59 -9.68 -19.96
C PRO A 179 18.11 -9.85 -20.30
N THR A 180 17.83 -10.77 -21.22
CA THR A 180 16.46 -11.05 -21.65
C THR A 180 15.64 -11.48 -20.43
N SER A 181 16.25 -12.28 -19.56
CA SER A 181 15.60 -12.77 -18.36
C SER A 181 15.31 -11.59 -17.42
N CYS A 182 16.27 -10.69 -17.29
CA CYS A 182 16.09 -9.52 -16.44
C CYS A 182 14.96 -8.65 -16.99
N SER A 183 14.94 -8.48 -18.30
CA SER A 183 13.90 -7.67 -18.94
C SER A 183 12.51 -8.24 -18.68
N ARG A 184 12.34 -9.54 -18.86
CA ARG A 184 11.03 -10.15 -18.62
C ARG A 184 10.61 -9.98 -17.16
N ARG A 185 11.57 -10.10 -16.25
CA ARG A 185 11.26 -9.96 -14.84
C ARG A 185 10.83 -8.53 -14.53
N PHE A 186 11.57 -7.56 -15.06
CA PHE A 186 11.25 -6.16 -14.82
C PHE A 186 9.87 -5.87 -15.37
N TYR A 187 9.54 -6.50 -16.49
CA TYR A 187 8.21 -6.31 -17.09
C TYR A 187 7.16 -6.83 -16.10
N GLN A 188 7.37 -8.03 -15.60
CA GLN A 188 6.42 -8.65 -14.67
C GLN A 188 6.20 -7.81 -13.41
N LEU A 189 7.29 -7.39 -12.79
CA LEU A 189 7.22 -6.62 -11.55
C LEU A 189 6.58 -5.24 -11.70
N THR A 190 6.92 -4.53 -12.77
CA THR A 190 6.37 -3.21 -12.99
C THR A 190 4.88 -3.32 -13.31
N LYS A 191 4.50 -4.41 -13.96
CA LYS A 191 3.10 -4.63 -14.30
C LYS A 191 2.35 -4.89 -12.98
N LEU A 192 2.97 -5.66 -12.09
CA LEU A 192 2.35 -5.95 -10.80
C LEU A 192 2.21 -4.68 -9.99
N LEU A 193 3.26 -3.86 -9.97
CA LEU A 193 3.23 -2.60 -9.22
C LEU A 193 2.11 -1.69 -9.73
N ASP A 194 1.98 -1.60 -11.05
CA ASP A 194 0.93 -0.77 -11.65
C ASP A 194 -0.45 -1.21 -11.18
N SER A 195 -0.66 -2.52 -11.05
CA SER A 195 -1.95 -3.06 -10.65
C SER A 195 -2.43 -2.62 -9.26
N VAL A 196 -1.50 -2.17 -8.43
CA VAL A 196 -1.85 -1.72 -7.09
C VAL A 196 -2.66 -0.43 -7.12
N GLN A 197 -2.26 0.48 -8.00
CA GLN A 197 -2.91 1.78 -8.12
C GLN A 197 -4.42 1.78 -8.35
N PRO A 198 -4.91 1.02 -9.34
CA PRO A 198 -6.36 1.00 -9.58
C PRO A 198 -7.12 0.49 -8.35
N ILE A 199 -6.49 -0.41 -7.60
CA ILE A 199 -7.11 -0.96 -6.41
C ILE A 199 -7.20 0.11 -5.33
N ALA A 200 -6.09 0.81 -5.08
CA ALA A 200 -6.08 1.88 -4.08
C ALA A 200 -7.11 2.95 -4.44
N ARG A 201 -7.28 3.19 -5.75
CA ARG A 201 -8.24 4.19 -6.23
C ARG A 201 -9.67 3.79 -5.83
N GLU A 202 -10.01 2.51 -6.04
CA GLU A 202 -11.35 2.03 -5.67
C GLU A 202 -11.55 2.14 -4.15
N LEU A 203 -10.50 1.91 -3.39
CA LEU A 203 -10.61 2.01 -1.93
C LEU A 203 -10.72 3.48 -1.52
N HIS A 204 -10.00 4.36 -2.20
CA HIS A 204 -10.07 5.79 -1.91
C HIS A 204 -11.49 6.28 -2.15
N GLN A 205 -12.07 5.88 -3.26
CA GLN A 205 -13.43 6.30 -3.60
C GLN A 205 -14.41 5.79 -2.55
N PHE A 206 -14.27 4.52 -2.19
CA PHE A 206 -15.14 3.91 -1.20
C PHE A 206 -15.00 4.64 0.14
N THR A 207 -13.75 4.84 0.57
CA THR A 207 -13.48 5.50 1.83
C THR A 207 -14.05 6.92 1.84
N PHE A 208 -13.88 7.62 0.73
CA PHE A 208 -14.39 8.98 0.61
C PHE A 208 -15.92 8.98 0.78
N ASP A 209 -16.61 8.18 -0.04
CA ASP A 209 -18.06 8.12 0.06
C ASP A 209 -18.51 7.76 1.47
N LEU A 210 -17.82 6.81 2.10
CA LEU A 210 -18.19 6.39 3.44
C LEU A 210 -18.07 7.53 4.45
N LEU A 211 -16.98 8.29 4.38
CA LEU A 211 -16.78 9.41 5.29
C LEU A 211 -17.89 10.45 5.17
N ILE A 212 -18.25 10.77 3.92
CA ILE A 212 -19.28 11.76 3.67
C ILE A 212 -20.64 11.38 4.27
N LYS A 213 -20.89 10.07 4.38
CA LYS A 213 -22.15 9.59 4.95
C LYS A 213 -21.94 8.82 6.24
N SER A 214 -20.74 8.91 6.81
CA SER A 214 -20.40 8.18 8.03
C SER A 214 -21.44 8.30 9.14
N HIS A 215 -22.04 9.48 9.28
CA HIS A 215 -23.05 9.72 10.30
C HIS A 215 -24.36 8.96 10.04
N MET A 216 -24.47 8.36 8.86
CA MET A 216 -25.67 7.62 8.48
C MET A 216 -25.56 6.11 8.71
N VAL A 217 -24.33 5.60 8.77
CA VAL A 217 -24.13 4.17 8.95
C VAL A 217 -23.38 3.79 10.23
N SER A 218 -23.28 4.72 11.16
CA SER A 218 -22.61 4.47 12.44
C SER A 218 -21.15 4.03 12.33
N VAL A 219 -20.40 4.63 11.42
CA VAL A 219 -18.99 4.29 11.25
C VAL A 219 -18.14 5.35 11.95
N ASP A 220 -17.13 4.90 12.69
CA ASP A 220 -16.26 5.81 13.42
C ASP A 220 -14.91 6.01 12.72
N PHE A 221 -14.67 7.24 12.30
CA PHE A 221 -13.42 7.58 11.64
C PHE A 221 -12.50 8.30 12.60
N PRO A 222 -11.27 7.80 12.74
CA PRO A 222 -10.31 8.44 13.66
C PRO A 222 -10.04 9.86 13.14
N GLU A 223 -9.73 10.78 14.06
CA GLU A 223 -9.46 12.17 13.70
C GLU A 223 -8.48 12.33 12.55
N MET A 224 -7.32 11.70 12.67
CA MET A 224 -6.26 11.77 11.67
C MET A 224 -6.70 11.29 10.29
N MET A 225 -7.35 10.13 10.26
CA MET A 225 -7.81 9.56 8.99
C MET A 225 -8.82 10.47 8.30
N ALA A 226 -9.77 11.00 9.06
CA ALA A 226 -10.81 11.88 8.53
C ALA A 226 -10.21 13.11 7.86
N GLU A 227 -9.17 13.65 8.50
CA GLU A 227 -8.50 14.83 7.96
C GLU A 227 -7.86 14.49 6.62
N ILE A 228 -7.13 13.39 6.59
CA ILE A 228 -6.45 12.97 5.36
C ILE A 228 -7.44 12.64 4.23
N ILE A 229 -8.55 12.03 4.58
CA ILE A 229 -9.56 11.68 3.58
C ILE A 229 -10.20 12.95 3.01
N SER A 230 -10.41 13.95 3.86
CA SER A 230 -11.04 15.18 3.43
C SER A 230 -10.11 16.18 2.74
N VAL A 231 -8.80 16.07 3.01
CA VAL A 231 -7.83 16.98 2.42
C VAL A 231 -7.00 16.41 1.28
N GLN A 232 -6.45 15.22 1.49
CA GLN A 232 -5.58 14.60 0.48
C GLN A 232 -6.31 13.72 -0.54
N VAL A 233 -7.13 12.81 -0.07
CA VAL A 233 -7.85 11.91 -0.98
C VAL A 233 -8.59 12.62 -2.12
N PRO A 234 -9.26 13.76 -1.85
CA PRO A 234 -9.98 14.43 -2.94
C PRO A 234 -9.03 14.95 -4.05
N LYS A 235 -7.79 15.22 -3.68
CA LYS A 235 -6.79 15.68 -4.66
C LYS A 235 -6.53 14.54 -5.64
N ILE A 236 -6.52 13.32 -5.11
CA ILE A 236 -6.29 12.14 -5.95
C ILE A 236 -7.51 11.86 -6.81
N LEU A 237 -8.68 11.87 -6.19
CA LEU A 237 -9.93 11.60 -6.89
C LEU A 237 -10.28 12.64 -7.96
N SER A 238 -9.86 13.89 -7.76
CA SER A 238 -10.14 14.94 -8.73
C SER A 238 -9.03 15.09 -9.78
N GLY A 239 -8.02 14.22 -9.68
CA GLY A 239 -6.93 14.25 -10.64
C GLY A 239 -5.76 15.20 -10.40
N LYS A 240 -5.78 15.93 -9.28
CA LYS A 240 -4.69 16.86 -8.99
C LYS A 240 -3.42 16.10 -8.59
N VAL A 241 -3.61 14.93 -8.00
CA VAL A 241 -2.49 14.07 -7.59
C VAL A 241 -2.68 12.76 -8.32
N LYS A 242 -1.65 12.33 -9.05
CA LYS A 242 -1.77 11.10 -9.82
C LYS A 242 -0.64 10.11 -9.64
N PRO A 243 -0.96 8.82 -9.80
CA PRO A 243 0.04 7.76 -9.66
C PRO A 243 0.94 7.72 -10.90
N ILE A 244 2.16 7.26 -10.71
CA ILE A 244 3.08 7.13 -11.81
C ILE A 244 3.04 5.68 -12.24
N TYR A 245 2.53 5.44 -13.43
CA TYR A 245 2.47 4.07 -13.96
C TYR A 245 3.70 3.84 -14.82
N PHE A 246 4.11 2.59 -14.91
CA PHE A 246 5.25 2.24 -15.75
C PHE A 246 4.71 2.02 -17.17
N HIS A 247 3.52 1.44 -17.25
CA HIS A 247 2.89 1.12 -18.51
C HIS A 247 1.73 2.03 -18.90
#